data_5TV2
#
_entry.id   5TV2
#
_cell.length_a   59.678
_cell.length_b   54.496
_cell.length_c   65.319
_cell.angle_alpha   90.00
_cell.angle_beta   116.58
_cell.angle_gamma   90.00
#
_symmetry.space_group_name_H-M   'P 1 21 1'
#
loop_
_entity.id
_entity.type
_entity.pdbx_description
1 polymer 'Elongation factor G'
2 water water
#
_entity_poly.entity_id   1
_entity_poly.type   'polypeptide(L)'
_entity_poly.pdbx_seq_one_letter_code
;MARKTPIERYRNIGICAHVDAGKTTTTERILFYTGLSHKIGEVHDGAATMDWMEQEQERGITITSAATTTFWRGMEAQFQ
DHRVNIIDTPGHVDFTIEVERSLRVLDGAVVVFCGSSGVEPQSETVWRQADKYHVPRMVFVNKMDRAGADFLRVVDQIKN
RLGANPVPIQLNVGAEEDFKGVIDLIKMKMINWNEADQGMTFTYEEIPADMIELAEEWRNNLVEAAAEASEELMDKYLEE
GELTEAEIKQALRARTLNNEIVLATCGSAFKNKGVQAVLDAVIEYLPSPIDVPAIKGIDENDNEVERHADDNEPFSALAF
KIATDPFVGTLTFIRVYSGVVNTGDAVYNSVKQKKERFGRIVQMHANKREEIKEVRAGDIAAAIGLKDVTTGDTLCNSDH
KVILE
;
_entity_poly.pdbx_strand_id   A
#
# COMPACT_ATOMS: atom_id res chain seq x y z
N MET A 1 -10.72 24.91 -10.75
CA MET A 1 -9.44 24.26 -10.32
C MET A 1 -9.58 22.72 -10.41
N ALA A 2 -8.70 22.08 -11.18
CA ALA A 2 -8.80 20.65 -11.47
C ALA A 2 -7.76 19.69 -10.91
N ARG A 3 -8.18 18.45 -10.78
CA ARG A 3 -7.29 17.39 -10.33
C ARG A 3 -6.03 17.20 -11.24
N LYS A 4 -4.84 17.19 -10.63
CA LYS A 4 -3.57 17.03 -11.37
C LYS A 4 -3.03 15.61 -11.58
N THR A 5 -3.41 14.69 -10.70
CA THR A 5 -2.94 13.30 -10.76
C THR A 5 -4.20 12.49 -10.65
N PRO A 6 -4.43 11.58 -11.60
CA PRO A 6 -5.65 10.77 -11.56
C PRO A 6 -5.74 9.94 -10.28
N ILE A 7 -6.92 9.83 -9.74
CA ILE A 7 -7.08 9.11 -8.45
C ILE A 7 -6.56 7.66 -8.51
N GLU A 8 -6.65 6.99 -9.67
CA GLU A 8 -6.15 5.63 -9.82
C GLU A 8 -4.64 5.49 -9.61
N ARG A 9 -3.87 6.61 -9.60
CA ARG A 9 -2.43 6.52 -9.43
C ARG A 9 -2.00 6.77 -8.00
N TYR A 10 -2.97 6.83 -7.07
CA TYR A 10 -2.62 6.96 -5.69
C TYR A 10 -2.58 5.60 -5.00
N ARG A 11 -1.65 5.45 -4.06
CA ARG A 11 -1.59 4.19 -3.24
C ARG A 11 -1.37 4.62 -1.79
N ASN A 12 -2.44 4.52 -1.00
CA ASN A 12 -2.35 4.84 0.45
C ASN A 12 -2.04 3.50 1.10
N ILE A 13 -0.84 3.36 1.65
CA ILE A 13 -0.39 2.11 2.17
C ILE A 13 0.21 2.24 3.54
N GLY A 14 0.10 1.13 4.24
CA GLY A 14 0.81 1.00 5.47
C GLY A 14 1.83 -0.13 5.33
N ILE A 15 2.95 0.02 6.01
CA ILE A 15 3.98 -0.99 6.04
C ILE A 15 3.96 -1.49 7.48
N CYS A 16 3.27 -2.61 7.67
CA CYS A 16 3.00 -3.29 8.92
C CYS A 16 4.01 -4.37 9.24
N ALA A 17 4.59 -4.33 10.43
CA ALA A 17 5.59 -5.36 10.86
C ALA A 17 5.65 -5.49 12.37
N LYS A 23 10.25 -2.95 9.58
CA LYS A 23 9.34 -1.84 9.32
C LYS A 23 10.09 -0.52 9.07
N THR A 24 11.00 -0.16 9.99
CA THR A 24 11.80 1.08 9.88
C THR A 24 12.80 0.96 8.73
N THR A 25 13.42 -0.21 8.59
CA THR A 25 14.37 -0.47 7.51
C THR A 25 13.66 -0.52 6.14
N THR A 26 12.52 -1.21 6.07
CA THR A 26 11.76 -1.29 4.81
C THR A 26 11.28 0.10 4.39
N THR A 27 10.77 0.89 5.35
CA THR A 27 10.33 2.23 5.04
C THR A 27 11.46 3.18 4.59
N GLU A 28 12.61 3.06 5.25
CA GLU A 28 13.78 3.91 4.95
C GLU A 28 14.29 3.57 3.55
N ARG A 29 14.22 2.30 3.18
CA ARG A 29 14.68 1.92 1.85
C ARG A 29 13.69 2.38 0.76
N ILE A 30 12.40 2.33 1.06
CA ILE A 30 11.37 2.84 0.14
C ILE A 30 11.59 4.35 -0.11
N LEU A 31 11.93 5.09 0.94
CA LEU A 31 12.15 6.53 0.78
C LEU A 31 13.40 6.80 -0.05
N PHE A 32 14.38 5.93 0.09
CA PHE A 32 15.63 6.04 -0.62
C PHE A 32 15.45 5.78 -2.12
N TYR A 33 14.83 4.66 -2.47
CA TYR A 33 14.61 4.31 -3.89
C TYR A 33 13.71 5.29 -4.62
N THR A 34 12.61 5.65 -3.97
CA THR A 34 11.71 6.62 -4.55
C THR A 34 12.36 7.97 -4.73
N GLY A 35 13.17 8.39 -3.78
CA GLY A 35 13.83 9.70 -3.80
C GLY A 35 14.78 9.92 -4.97
N LEU A 36 15.73 9.01 -5.12
CA LEU A 36 16.74 9.10 -6.17
C LEU A 36 16.20 8.78 -7.56
N SER A 37 15.07 8.06 -7.62
CA SER A 37 14.46 7.72 -8.89
C SER A 37 13.71 8.92 -9.47
N HIS A 38 13.30 9.84 -8.59
CA HIS A 38 12.48 10.98 -8.98
C HIS A 38 13.28 12.27 -9.10
N THR A 64 9.17 9.93 13.85
CA THR A 64 8.39 9.27 12.78
C THR A 64 7.23 10.13 12.20
N SER A 65 7.34 10.51 10.92
CA SER A 65 6.31 11.33 10.26
C SER A 65 5.02 10.51 10.11
N ALA A 66 3.88 11.08 10.49
CA ALA A 66 2.59 10.36 10.40
C ALA A 66 2.29 9.81 8.99
N ALA A 67 2.68 10.55 7.95
CA ALA A 67 2.44 10.11 6.58
C ALA A 67 3.46 10.86 5.70
N THR A 68 4.03 10.10 4.78
CA THR A 68 5.05 10.66 3.87
C THR A 68 4.64 10.33 2.47
N THR A 69 4.67 11.35 1.60
CA THR A 69 4.33 11.15 0.19
C THR A 69 5.66 10.93 -0.62
N THR A 70 5.60 9.93 -1.46
CA THR A 70 6.69 9.48 -2.32
C THR A 70 6.11 9.22 -3.71
N PHE A 71 7.02 9.18 -4.68
CA PHE A 71 6.65 8.90 -6.07
C PHE A 71 7.34 7.63 -6.57
N TRP A 72 6.63 6.87 -7.40
CA TRP A 72 7.21 5.68 -7.97
C TRP A 72 6.61 5.41 -9.33
N ARG A 73 7.47 5.17 -10.32
CA ARG A 73 7.02 4.90 -11.69
C ARG A 73 7.52 3.52 -12.14
N GLY A 74 7.97 2.69 -11.18
CA GLY A 74 8.45 1.38 -11.46
C GLY A 74 9.94 1.24 -11.62
N MET A 75 10.43 0.03 -11.35
CA MET A 75 11.86 -0.25 -11.49
C MET A 75 12.42 0.11 -12.87
N GLU A 76 11.61 -0.06 -13.92
CA GLU A 76 11.99 0.28 -15.33
C GLU A 76 11.21 1.47 -15.89
N ALA A 77 10.66 2.27 -14.99
CA ALA A 77 9.84 3.41 -15.36
C ALA A 77 8.76 2.97 -16.34
N GLN A 78 8.19 1.77 -16.03
CA GLN A 78 7.16 1.19 -16.87
C GLN A 78 5.76 1.68 -16.63
N PHE A 79 5.55 2.49 -15.59
CA PHE A 79 4.24 3.06 -15.25
C PHE A 79 4.30 4.58 -15.30
N GLN A 80 3.12 5.21 -15.27
CA GLN A 80 3.01 6.64 -15.02
C GLN A 80 3.43 6.79 -13.52
N ASP A 81 3.76 8.03 -13.14
CA ASP A 81 4.18 8.28 -11.76
C ASP A 81 2.96 8.02 -10.87
N HIS A 82 3.18 7.26 -9.81
CA HIS A 82 2.17 7.00 -8.80
C HIS A 82 2.55 7.72 -7.55
N ARG A 83 1.55 8.23 -6.81
CA ARG A 83 1.82 8.93 -5.54
C ARG A 83 1.55 7.86 -4.47
N VAL A 84 2.58 7.49 -3.79
CA VAL A 84 2.49 6.44 -2.74
C VAL A 84 2.59 7.17 -1.39
N ASN A 85 1.49 7.18 -0.64
CA ASN A 85 1.40 7.81 0.67
C ASN A 85 1.63 6.70 1.71
N ILE A 86 2.73 6.80 2.40
CA ILE A 86 3.15 5.78 3.35
C ILE A 86 2.74 6.28 4.75
N ILE A 87 1.74 5.59 5.32
CA ILE A 87 1.16 5.98 6.61
C ILE A 87 1.86 5.18 7.67
N ASP A 88 2.34 5.86 8.70
CA ASP A 88 3.03 5.23 9.81
C ASP A 88 2.01 4.32 10.56
N THR A 89 2.38 3.09 10.84
CA THR A 89 1.44 2.20 11.51
C THR A 89 1.93 1.82 12.91
N PRO A 90 1.00 1.57 13.84
CA PRO A 90 1.38 1.24 15.22
C PRO A 90 2.36 0.06 15.36
N GLU A 98 -7.14 2.79 17.49
CA GLU A 98 -5.83 3.25 17.02
C GLU A 98 -5.49 2.41 15.78
N VAL A 99 -5.46 1.10 15.98
CA VAL A 99 -5.18 0.18 14.89
C VAL A 99 -6.35 0.15 13.89
N GLU A 100 -7.58 0.12 14.43
CA GLU A 100 -8.80 0.11 13.62
C GLU A 100 -8.88 1.41 12.79
N ARG A 101 -8.42 2.51 13.39
CA ARG A 101 -8.36 3.80 12.68
C ARG A 101 -7.30 3.77 11.59
N SER A 102 -6.11 3.27 11.88
N SER A 102 -6.12 3.26 11.89
CA SER A 102 -5.02 3.22 10.89
CA SER A 102 -5.01 3.21 10.92
C SER A 102 -5.42 2.43 9.65
C SER A 102 -5.37 2.39 9.68
N LEU A 103 -6.16 1.35 9.87
CA LEU A 103 -6.58 0.48 8.75
C LEU A 103 -7.65 1.13 7.85
N ARG A 104 -8.36 2.15 8.36
CA ARG A 104 -9.35 2.85 7.55
C ARG A 104 -8.68 3.98 6.78
N VAL A 105 -7.53 4.42 7.29
CA VAL A 105 -6.76 5.54 6.68
C VAL A 105 -5.99 5.01 5.49
N LEU A 106 -5.39 3.84 5.64
CA LEU A 106 -4.72 3.17 4.51
C LEU A 106 -5.75 2.47 3.67
N ASP A 107 -5.39 2.15 2.44
CA ASP A 107 -6.28 1.41 1.55
C ASP A 107 -5.80 -0.03 1.38
N GLY A 108 -4.50 -0.20 1.44
CA GLY A 108 -3.87 -1.50 1.31
C GLY A 108 -2.65 -1.51 2.16
N ALA A 109 -2.10 -2.67 2.35
CA ALA A 109 -0.95 -2.85 3.20
C ALA A 109 0.09 -3.84 2.68
N VAL A 110 1.31 -3.59 3.12
CA VAL A 110 2.46 -4.44 2.89
C VAL A 110 2.78 -5.02 4.26
N VAL A 111 2.45 -6.31 4.45
CA VAL A 111 2.69 -6.91 5.80
C VAL A 111 4.03 -7.58 5.67
N VAL A 112 4.96 -7.13 6.49
CA VAL A 112 6.34 -7.59 6.51
C VAL A 112 6.63 -8.67 7.60
N PHE A 113 7.17 -9.81 7.18
CA PHE A 113 7.57 -10.93 8.09
C PHE A 113 9.06 -11.24 7.95
N CYS A 114 9.74 -11.41 9.08
CA CYS A 114 11.14 -11.77 9.10
C CYS A 114 11.27 -13.22 8.53
N GLY A 115 12.28 -13.45 7.73
CA GLY A 115 12.47 -14.74 7.07
C GLY A 115 12.76 -15.91 7.98
N SER A 116 13.39 -15.58 9.12
CA SER A 116 13.83 -16.52 10.15
C SER A 116 12.81 -16.85 11.23
N SER A 117 12.05 -15.85 11.67
CA SER A 117 11.03 -16.04 12.71
C SER A 117 9.67 -16.24 12.05
N GLY A 118 9.26 -15.23 11.27
CA GLY A 118 7.99 -15.27 10.54
C GLY A 118 6.78 -14.74 11.27
N VAL A 119 5.71 -15.55 11.24
CA VAL A 119 4.42 -15.20 11.85
C VAL A 119 4.48 -15.15 13.38
N SER A 123 1.34 -9.69 14.99
CA SER A 123 0.93 -9.82 13.60
C SER A 123 -0.47 -10.45 13.48
N GLU A 124 -0.65 -11.55 14.20
CA GLU A 124 -1.90 -12.33 14.22
C GLU A 124 -3.13 -11.52 14.64
N THR A 125 -2.93 -10.61 15.60
CA THR A 125 -3.99 -9.74 16.06
C THR A 125 -4.29 -8.69 14.97
N VAL A 126 -3.24 -8.10 14.39
CA VAL A 126 -3.39 -7.10 13.32
C VAL A 126 -4.05 -7.70 12.07
N TRP A 127 -3.61 -8.91 11.71
CA TRP A 127 -4.10 -9.59 10.52
C TRP A 127 -5.63 -9.79 10.61
N ARG A 128 -6.07 -10.24 11.80
CA ARG A 128 -7.50 -10.48 12.04
C ARG A 128 -8.37 -9.26 11.92
N GLN A 129 -7.86 -8.13 12.41
CA GLN A 129 -8.59 -6.85 12.29
C GLN A 129 -8.61 -6.43 10.82
N ALA A 130 -7.51 -6.72 10.13
CA ALA A 130 -7.43 -6.39 8.69
C ALA A 130 -8.45 -7.18 7.91
N ASP A 131 -8.71 -8.43 8.36
CA ASP A 131 -9.70 -9.28 7.71
C ASP A 131 -11.09 -8.71 7.92
N LYS A 132 -11.34 -8.18 9.13
CA LYS A 132 -12.65 -7.60 9.47
C LYS A 132 -13.01 -6.39 8.66
N TYR A 133 -12.00 -5.60 8.30
CA TYR A 133 -12.21 -4.38 7.53
C TYR A 133 -11.92 -4.62 6.04
N HIS A 134 -11.64 -5.88 5.66
CA HIS A 134 -11.41 -6.28 4.28
C HIS A 134 -10.34 -5.45 3.60
N VAL A 135 -9.20 -5.37 4.27
CA VAL A 135 -8.04 -4.63 3.76
C VAL A 135 -7.21 -5.46 2.82
N PRO A 136 -7.11 -5.03 1.54
CA PRO A 136 -6.27 -5.82 0.67
C PRO A 136 -4.80 -5.76 1.16
N ARG A 137 -4.08 -6.83 0.98
CA ARG A 137 -2.69 -6.94 1.43
C ARG A 137 -1.81 -7.73 0.55
N MET A 138 -0.51 -7.48 0.69
CA MET A 138 0.52 -8.29 0.06
C MET A 138 1.47 -8.55 1.18
N VAL A 139 2.28 -9.58 1.01
CA VAL A 139 3.28 -9.92 1.99
C VAL A 139 4.71 -9.77 1.51
N PHE A 140 5.57 -9.22 2.38
CA PHE A 140 7.02 -9.12 2.11
C PHE A 140 7.77 -9.93 3.16
N VAL A 141 8.50 -10.96 2.73
CA VAL A 141 9.31 -11.77 3.68
C VAL A 141 10.73 -11.17 3.59
N ASN A 142 11.07 -10.36 4.57
CA ASN A 142 12.35 -9.65 4.60
C ASN A 142 13.44 -10.41 5.36
N LYS A 143 14.64 -9.82 5.39
CA LYS A 143 15.79 -10.39 6.07
C LYS A 143 16.22 -11.74 5.48
N MET A 144 15.95 -11.98 4.19
CA MET A 144 16.32 -13.28 3.59
C MET A 144 17.81 -13.63 3.64
N ASP A 145 18.61 -12.62 3.99
CA ASP A 145 20.05 -12.78 4.14
C ASP A 145 20.46 -13.32 5.52
N ARG A 146 19.51 -13.44 6.45
CA ARG A 146 19.82 -13.86 7.83
C ARG A 146 19.79 -15.35 8.12
N ALA A 147 20.46 -15.76 9.21
CA ALA A 147 20.51 -17.17 9.53
C ALA A 147 19.10 -17.70 9.80
N GLY A 148 18.80 -18.85 9.20
CA GLY A 148 17.49 -19.50 9.37
C GLY A 148 16.40 -19.05 8.40
N ALA A 149 16.74 -18.16 7.48
CA ALA A 149 15.79 -17.63 6.47
C ALA A 149 15.22 -18.74 5.58
N ASP A 150 13.90 -18.70 5.36
CA ASP A 150 13.19 -19.73 4.61
C ASP A 150 11.89 -19.14 4.20
N PHE A 151 11.84 -18.74 2.94
CA PHE A 151 10.72 -18.05 2.38
C PHE A 151 9.45 -18.89 2.38
N LEU A 152 9.54 -20.06 1.75
CA LEU A 152 8.37 -20.94 1.64
C LEU A 152 7.83 -21.40 3.00
N ARG A 153 8.70 -21.52 3.98
CA ARG A 153 8.26 -21.91 5.35
C ARG A 153 7.34 -20.83 5.92
N VAL A 154 7.77 -19.57 5.75
CA VAL A 154 7.01 -18.40 6.22
C VAL A 154 5.68 -18.37 5.50
N VAL A 155 5.71 -18.64 4.18
CA VAL A 155 4.51 -18.68 3.39
C VAL A 155 3.57 -19.77 3.85
N ASP A 156 4.11 -20.95 4.18
CA ASP A 156 3.23 -22.02 4.62
C ASP A 156 2.54 -21.65 5.97
N GLN A 157 3.27 -20.93 6.84
CA GLN A 157 2.73 -20.41 8.12
C GLN A 157 1.61 -19.37 7.94
N ILE A 158 1.71 -18.49 6.89
CA ILE A 158 0.69 -17.51 6.68
C ILE A 158 -0.60 -18.20 6.33
N LYS A 159 -0.45 -19.27 5.54
CA LYS A 159 -1.60 -20.12 5.19
C LYS A 159 -2.18 -20.85 6.41
N ASN A 160 -1.31 -21.54 7.14
CA ASN A 160 -1.72 -22.38 8.33
C ASN A 160 -2.08 -21.69 9.65
N ARG A 161 -1.25 -20.73 10.06
CA ARG A 161 -1.47 -19.96 11.30
C ARG A 161 -2.43 -18.80 11.11
N LEU A 162 -2.38 -18.13 9.93
CA LEU A 162 -3.22 -16.97 9.73
C LEU A 162 -4.52 -17.24 9.01
N GLY A 163 -4.64 -18.43 8.41
CA GLY A 163 -5.89 -18.84 7.72
C GLY A 163 -6.07 -18.16 6.38
N ALA A 164 -4.98 -17.58 5.91
CA ALA A 164 -5.01 -16.86 4.64
C ALA A 164 -4.77 -17.76 3.43
N ASN A 165 -4.74 -17.15 2.22
CA ASN A 165 -4.48 -17.88 0.97
C ASN A 165 -3.35 -17.17 0.26
N PRO A 166 -2.11 -17.41 0.74
CA PRO A 166 -0.97 -16.71 0.11
C PRO A 166 -0.51 -17.37 -1.20
N VAL A 167 -0.07 -16.54 -2.14
CA VAL A 167 0.35 -16.98 -3.48
C VAL A 167 1.69 -16.34 -3.79
N PRO A 168 2.77 -17.09 -3.73
CA PRO A 168 4.03 -16.42 -4.10
C PRO A 168 4.11 -16.00 -5.56
N ILE A 169 4.70 -14.83 -5.75
CA ILE A 169 4.92 -14.23 -7.05
C ILE A 169 6.42 -14.13 -7.33
N GLN A 170 7.18 -14.60 -6.37
CA GLN A 170 8.64 -14.68 -6.41
C GLN A 170 9.12 -15.98 -5.72
N LEU A 171 10.42 -16.24 -5.88
CA LEU A 171 11.17 -17.28 -5.16
C LEU A 171 12.50 -16.62 -4.92
N ASN A 172 13.02 -16.81 -3.72
CA ASN A 172 14.34 -16.31 -3.39
C ASN A 172 15.38 -17.16 -4.12
N VAL A 173 16.48 -16.52 -4.48
CA VAL A 173 17.60 -17.20 -5.10
C VAL A 173 18.61 -17.25 -3.95
N GLY A 174 18.62 -18.39 -3.25
CA GLY A 174 19.49 -18.59 -2.12
C GLY A 174 18.84 -18.09 -0.86
N ALA A 175 19.56 -18.26 0.22
CA ALA A 175 19.11 -17.87 1.56
C ALA A 175 20.35 -17.68 2.43
N GLU A 176 20.21 -16.85 3.46
CA GLU A 176 21.30 -16.48 4.36
C GLU A 176 22.38 -15.75 3.54
N GLU A 177 23.66 -16.03 3.79
CA GLU A 177 24.74 -15.40 3.02
C GLU A 177 24.68 -15.79 1.52
N ASP A 178 23.85 -16.78 1.16
CA ASP A 178 23.75 -17.21 -0.27
C ASP A 178 22.64 -16.49 -1.04
N PHE A 179 21.89 -15.66 -0.33
CA PHE A 179 20.83 -14.87 -0.94
C PHE A 179 21.45 -13.83 -1.88
N LYS A 180 21.15 -13.94 -3.19
CA LYS A 180 21.71 -13.02 -4.19
C LYS A 180 20.64 -12.33 -5.07
N GLY A 181 19.36 -12.63 -4.87
CA GLY A 181 18.30 -12.03 -5.64
C GLY A 181 17.01 -12.79 -5.60
N VAL A 182 16.10 -12.50 -6.52
CA VAL A 182 14.81 -13.21 -6.54
C VAL A 182 14.48 -13.60 -7.94
N ILE A 183 13.48 -14.48 -8.05
CA ILE A 183 12.97 -14.85 -9.34
C ILE A 183 11.58 -14.24 -9.42
N ASP A 184 11.35 -13.45 -10.47
CA ASP A 184 10.05 -12.91 -10.76
C ASP A 184 9.38 -14.08 -11.48
N LEU A 185 8.49 -14.77 -10.75
CA LEU A 185 7.77 -15.92 -11.30
C LEU A 185 6.81 -15.63 -12.45
N ILE A 186 6.44 -14.35 -12.65
CA ILE A 186 5.51 -13.99 -13.73
C ILE A 186 6.29 -13.82 -15.02
N LYS A 187 7.45 -13.18 -14.91
CA LYS A 187 8.32 -12.98 -16.09
C LYS A 187 9.20 -14.20 -16.33
N MET A 188 9.35 -15.03 -15.28
CA MET A 188 10.22 -16.21 -15.30
C MET A 188 11.63 -15.81 -15.65
N LYS A 189 12.07 -14.81 -14.88
CA LYS A 189 13.39 -14.22 -15.02
C LYS A 189 13.95 -13.95 -13.64
N MET A 190 15.27 -13.98 -13.55
CA MET A 190 15.95 -13.67 -12.32
C MET A 190 16.32 -12.21 -12.35
N ILE A 191 16.09 -11.53 -11.22
CA ILE A 191 16.43 -10.13 -11.07
C ILE A 191 17.77 -10.06 -10.36
N ASN A 192 18.73 -9.46 -11.07
CA ASN A 192 20.08 -9.22 -10.60
C ASN A 192 20.28 -7.75 -10.36
N TRP A 193 20.05 -7.31 -9.14
CA TRP A 193 20.25 -5.89 -8.79
C TRP A 193 21.73 -5.53 -8.77
N ASN A 194 22.09 -4.36 -9.31
CA ASN A 194 23.50 -3.93 -9.31
C ASN A 194 23.96 -3.61 -7.90
N GLU A 195 25.16 -4.03 -7.55
CA GLU A 195 25.63 -3.78 -6.19
C GLU A 195 26.15 -2.35 -6.00
N ALA A 196 26.91 -1.84 -6.97
CA ALA A 196 27.46 -0.49 -6.86
C ALA A 196 26.41 0.63 -6.77
N ASP A 197 25.30 0.50 -7.51
CA ASP A 197 24.18 1.47 -7.53
C ASP A 197 23.33 1.48 -6.28
N GLN A 198 23.45 0.43 -5.46
CA GLN A 198 22.61 0.25 -4.28
C GLN A 198 21.26 -0.26 -4.77
N GLY A 199 21.30 -1.07 -5.82
CA GLY A 199 20.11 -1.65 -6.42
C GLY A 199 19.24 -0.69 -7.21
N MET A 200 19.81 0.43 -7.66
CA MET A 200 19.09 1.44 -8.42
C MET A 200 18.86 0.97 -9.87
N THR A 201 19.63 -0.02 -10.29
CA THR A 201 19.46 -0.66 -11.61
C THR A 201 19.61 -2.16 -11.39
N PHE A 202 19.10 -2.93 -12.35
CA PHE A 202 19.18 -4.36 -12.32
C PHE A 202 19.22 -4.84 -13.76
N THR A 203 19.41 -6.15 -13.91
CA THR A 203 19.36 -6.74 -15.23
C THR A 203 18.52 -7.98 -15.05
N TYR A 204 17.67 -8.28 -16.02
CA TYR A 204 16.94 -9.55 -15.97
C TYR A 204 17.91 -10.59 -16.52
N GLU A 205 17.88 -11.80 -15.95
CA GLU A 205 18.73 -12.93 -16.37
C GLU A 205 17.91 -14.23 -16.32
N GLU A 206 18.48 -15.31 -16.86
CA GLU A 206 17.79 -16.60 -16.88
C GLU A 206 17.76 -17.24 -15.50
N ILE A 207 16.72 -18.03 -15.27
CA ILE A 207 16.59 -18.74 -13.99
C ILE A 207 17.73 -19.74 -13.96
N PRO A 208 18.57 -19.74 -12.90
CA PRO A 208 19.65 -20.72 -12.85
C PRO A 208 19.11 -22.17 -12.99
N ALA A 209 19.93 -23.07 -13.55
CA ALA A 209 19.53 -24.46 -13.79
C ALA A 209 18.94 -25.23 -12.60
N ASP A 210 19.51 -25.09 -11.41
CA ASP A 210 19.01 -25.83 -10.25
C ASP A 210 17.70 -25.30 -9.65
N MET A 211 17.16 -24.22 -10.21
CA MET A 211 15.91 -23.65 -9.70
C MET A 211 14.75 -23.78 -10.68
N ILE A 212 15.04 -24.15 -11.93
CA ILE A 212 14.01 -24.27 -12.99
C ILE A 212 12.77 -25.07 -12.57
N GLU A 213 12.95 -26.28 -12.02
CA GLU A 213 11.79 -27.10 -11.62
C GLU A 213 10.99 -26.47 -10.48
N LEU A 214 11.71 -25.91 -9.51
CA LEU A 214 11.08 -25.26 -8.36
C LEU A 214 10.33 -24.02 -8.87
N ALA A 215 11.00 -23.24 -9.71
CA ALA A 215 10.36 -22.05 -10.29
C ALA A 215 9.09 -22.43 -11.08
N GLU A 216 9.12 -23.57 -11.80
CA GLU A 216 7.95 -24.02 -12.57
C GLU A 216 6.81 -24.47 -11.67
N GLU A 217 7.12 -25.21 -10.61
CA GLU A 217 6.08 -25.64 -9.65
C GLU A 217 5.33 -24.42 -9.12
N TRP A 218 6.07 -23.43 -8.63
CA TRP A 218 5.40 -22.22 -8.10
C TRP A 218 4.70 -21.31 -9.16
N ARG A 219 5.22 -21.31 -10.40
CA ARG A 219 4.57 -20.53 -11.46
C ARG A 219 3.26 -21.19 -11.77
N ASN A 220 3.24 -22.54 -11.72
CA ASN A 220 2.00 -23.25 -12.00
C ASN A 220 0.97 -22.87 -10.94
N ASN A 221 1.40 -22.78 -9.68
CA ASN A 221 0.49 -22.39 -8.61
C ASN A 221 -0.10 -21.00 -8.80
N LEU A 222 0.75 -20.06 -9.23
CA LEU A 222 0.29 -18.69 -9.41
C LEU A 222 -0.65 -18.60 -10.59
N VAL A 223 -0.36 -19.35 -11.66
CA VAL A 223 -1.23 -19.33 -12.82
C VAL A 223 -2.61 -19.89 -12.47
N GLU A 224 -2.66 -21.01 -11.76
CA GLU A 224 -3.95 -21.58 -11.37
C GLU A 224 -4.63 -20.59 -10.41
N ALA A 225 -3.84 -19.89 -9.63
CA ALA A 225 -4.40 -18.85 -8.72
C ALA A 225 -5.09 -17.75 -9.55
N ALA A 226 -4.45 -17.36 -10.67
CA ALA A 226 -5.05 -16.38 -11.51
C ALA A 226 -6.26 -16.90 -12.27
N ALA A 227 -6.20 -18.17 -12.68
CA ALA A 227 -7.25 -18.81 -13.46
C ALA A 227 -8.60 -18.83 -12.78
N GLU A 228 -8.58 -18.94 -11.46
CA GLU A 228 -9.80 -18.94 -10.65
C GLU A 228 -10.45 -17.53 -10.47
N ALA A 229 -9.95 -16.48 -11.15
CA ALA A 229 -10.59 -15.19 -11.02
C ALA A 229 -11.84 -15.07 -11.87
N SER A 230 -11.88 -15.83 -12.98
CA SER A 230 -13.06 -15.80 -13.85
C SER A 230 -13.23 -17.08 -14.68
N GLU A 231 -14.47 -17.24 -15.15
CA GLU A 231 -14.93 -18.31 -16.03
C GLU A 231 -14.09 -18.32 -17.31
N GLU A 232 -13.84 -17.14 -17.89
CA GLU A 232 -13.08 -17.01 -19.13
C GLU A 232 -11.60 -17.42 -18.92
N LEU A 233 -10.97 -16.92 -17.85
CA LEU A 233 -9.59 -17.30 -17.55
C LEU A 233 -9.43 -18.79 -17.24
N MET A 234 -10.41 -19.38 -16.59
CA MET A 234 -10.32 -20.81 -16.30
C MET A 234 -10.39 -21.67 -17.57
N ASP A 235 -11.30 -21.29 -18.48
CA ASP A 235 -11.51 -21.97 -19.78
C ASP A 235 -10.24 -21.92 -20.65
N LYS A 236 -9.56 -20.78 -20.64
CA LYS A 236 -8.31 -20.63 -21.40
C LYS A 236 -7.23 -21.47 -20.74
N TYR A 237 -7.12 -21.37 -19.42
CA TYR A 237 -6.12 -22.11 -18.67
C TYR A 237 -6.26 -23.61 -18.91
N LEU A 238 -7.48 -24.11 -18.84
CA LEU A 238 -7.70 -25.54 -19.07
C LEU A 238 -7.34 -25.97 -20.50
N GLU A 239 -7.69 -25.16 -21.49
CA GLU A 239 -7.40 -25.53 -22.89
C GLU A 239 -5.92 -25.40 -23.25
N GLU A 240 -5.39 -24.18 -23.12
CA GLU A 240 -4.01 -23.86 -23.48
C GLU A 240 -2.92 -24.12 -22.43
N GLY A 241 -3.31 -24.28 -21.17
CA GLY A 241 -2.34 -24.51 -20.13
C GLY A 241 -1.44 -23.31 -19.89
N GLU A 242 -1.92 -22.11 -20.26
CA GLU A 242 -1.15 -20.90 -20.02
C GLU A 242 -1.94 -19.62 -20.19
N LEU A 243 -1.43 -18.58 -19.53
CA LEU A 243 -2.03 -17.27 -19.55
C LEU A 243 -0.93 -16.27 -19.78
N THR A 244 -1.33 -15.12 -20.31
CA THR A 244 -0.38 -14.04 -20.61
C THR A 244 -0.01 -13.32 -19.35
N GLU A 245 1.08 -12.56 -19.40
N GLU A 245 1.08 -12.56 -19.42
CA GLU A 245 1.49 -11.80 -18.21
CA GLU A 245 1.52 -11.77 -18.25
C GLU A 245 0.39 -10.81 -17.82
C GLU A 245 0.44 -10.78 -17.83
N ALA A 246 -0.19 -10.12 -18.81
CA ALA A 246 -1.23 -9.13 -18.52
C ALA A 246 -2.46 -9.81 -17.83
N GLU A 247 -2.85 -10.96 -18.35
CA GLU A 247 -3.97 -11.74 -17.76
C GLU A 247 -3.70 -12.13 -16.34
N ILE A 248 -2.52 -12.65 -16.11
CA ILE A 248 -2.11 -13.10 -14.77
C ILE A 248 -2.10 -11.92 -13.81
N LYS A 249 -1.49 -10.79 -14.22
CA LYS A 249 -1.43 -9.64 -13.32
C LYS A 249 -2.81 -9.06 -12.97
N GLN A 250 -3.71 -8.96 -13.96
CA GLN A 250 -5.04 -8.41 -13.79
C GLN A 250 -5.83 -9.31 -12.81
N ALA A 251 -5.72 -10.61 -13.02
CA ALA A 251 -6.42 -11.59 -12.20
C ALA A 251 -5.95 -11.56 -10.75
N LEU A 252 -4.64 -11.55 -10.56
CA LEU A 252 -4.05 -11.53 -9.25
C LEU A 252 -4.37 -10.24 -8.53
N ARG A 253 -4.45 -9.16 -9.30
CA ARG A 253 -4.86 -7.88 -8.74
C ARG A 253 -6.33 -7.99 -8.26
N ALA A 254 -7.21 -8.48 -9.11
CA ALA A 254 -8.63 -8.61 -8.73
C ALA A 254 -8.84 -9.45 -7.49
N ARG A 255 -8.06 -10.54 -7.36
CA ARG A 255 -8.21 -11.45 -6.21
C ARG A 255 -7.60 -10.83 -4.92
N THR A 256 -6.63 -9.95 -5.09
CA THR A 256 -6.04 -9.23 -3.96
C THR A 256 -7.06 -8.21 -3.43
N LEU A 257 -7.64 -7.44 -4.38
CA LEU A 257 -8.64 -6.43 -4.11
C LEU A 257 -9.92 -7.01 -3.44
N ASN A 258 -10.28 -8.25 -3.77
CA ASN A 258 -11.46 -8.92 -3.14
C ASN A 258 -11.07 -9.80 -1.95
N ASN A 259 -9.85 -9.55 -1.44
CA ASN A 259 -9.32 -10.31 -0.29
C ASN A 259 -9.35 -11.83 -0.34
N GLU A 260 -9.31 -12.40 -1.54
CA GLU A 260 -9.26 -13.85 -1.76
C GLU A 260 -7.85 -14.39 -1.64
N ILE A 261 -6.84 -13.58 -1.96
CA ILE A 261 -5.44 -14.04 -1.86
C ILE A 261 -4.58 -12.92 -1.32
N VAL A 262 -3.34 -13.29 -0.96
CA VAL A 262 -2.33 -12.35 -0.54
C VAL A 262 -1.07 -12.79 -1.29
N LEU A 263 -0.55 -11.87 -2.11
CA LEU A 263 0.66 -12.16 -2.92
C LEU A 263 1.87 -12.02 -2.06
N ALA A 264 2.88 -12.84 -2.32
CA ALA A 264 4.08 -12.88 -1.51
C ALA A 264 5.34 -12.72 -2.25
N THR A 265 6.17 -11.84 -1.67
CA THR A 265 7.44 -11.49 -2.21
C THR A 265 8.46 -11.61 -1.13
N CYS A 266 9.73 -11.43 -1.50
CA CYS A 266 10.79 -11.53 -0.51
C CYS A 266 12.05 -10.76 -0.89
N GLY A 267 12.95 -10.67 0.07
CA GLY A 267 14.20 -9.99 -0.18
C GLY A 267 14.97 -9.58 1.02
N SER A 268 15.88 -8.64 0.80
CA SER A 268 16.75 -8.11 1.84
C SER A 268 16.98 -6.62 1.65
N ALA A 269 16.55 -5.85 2.65
CA ALA A 269 16.71 -4.39 2.62
C ALA A 269 18.17 -3.96 2.77
N PHE A 270 18.93 -4.68 3.60
CA PHE A 270 20.34 -4.39 3.84
C PHE A 270 21.22 -4.66 2.63
N LYS A 271 20.91 -5.73 1.89
CA LYS A 271 21.66 -6.08 0.68
C LYS A 271 21.14 -5.32 -0.54
N ASN A 272 20.19 -4.40 -0.35
CA ASN A 272 19.59 -3.65 -1.47
C ASN A 272 19.05 -4.60 -2.56
N LYS A 273 18.36 -5.63 -2.11
CA LYS A 273 17.76 -6.61 -3.00
C LYS A 273 16.34 -7.03 -2.65
N GLY A 274 15.35 -6.27 -3.12
CA GLY A 274 13.97 -6.65 -2.89
C GLY A 274 12.91 -5.61 -2.71
N VAL A 275 13.22 -4.54 -1.95
CA VAL A 275 12.19 -3.53 -1.72
C VAL A 275 11.81 -2.80 -2.99
N GLN A 276 12.73 -2.74 -3.96
CA GLN A 276 12.43 -2.14 -5.25
C GLN A 276 11.27 -2.90 -5.94
N ALA A 277 11.29 -4.22 -5.79
CA ALA A 277 10.26 -5.06 -6.38
C ALA A 277 8.97 -4.96 -5.59
N VAL A 278 9.08 -4.75 -4.27
CA VAL A 278 7.84 -4.53 -3.45
C VAL A 278 7.07 -3.29 -4.00
N LEU A 279 7.81 -2.23 -4.29
CA LEU A 279 7.24 -0.99 -4.82
C LEU A 279 6.49 -1.24 -6.15
N ASP A 280 7.11 -2.02 -7.03
CA ASP A 280 6.40 -2.42 -8.28
C ASP A 280 5.09 -3.17 -7.96
N ALA A 281 5.15 -4.08 -6.98
CA ALA A 281 3.96 -4.86 -6.54
C ALA A 281 2.86 -3.98 -5.93
N VAL A 282 3.26 -2.95 -5.20
CA VAL A 282 2.27 -1.96 -4.72
C VAL A 282 1.46 -1.34 -5.85
N ILE A 283 2.17 -0.92 -6.93
CA ILE A 283 1.47 -0.41 -8.05
C ILE A 283 0.57 -1.48 -8.72
N GLU A 284 1.17 -2.62 -8.96
CA GLU A 284 0.47 -3.64 -9.72
C GLU A 284 -0.68 -4.33 -9.01
N TYR A 285 -0.56 -4.45 -7.68
CA TYR A 285 -1.55 -5.30 -6.98
C TYR A 285 -2.36 -4.66 -5.85
N LEU A 286 -1.88 -3.57 -5.28
CA LEU A 286 -2.61 -2.86 -4.24
C LEU A 286 -3.61 -1.80 -4.71
N PRO A 287 -4.66 -1.54 -3.92
CA PRO A 287 -5.70 -0.72 -4.40
C PRO A 287 -5.42 0.76 -4.43
N SER A 288 -6.05 1.40 -5.41
CA SER A 288 -6.12 2.83 -5.46
C SER A 288 -7.33 3.19 -4.55
N PRO A 289 -7.63 4.47 -4.32
CA PRO A 289 -8.75 4.84 -3.48
C PRO A 289 -10.13 4.51 -4.06
N ILE A 290 -10.18 4.19 -5.36
CA ILE A 290 -11.47 3.82 -5.98
C ILE A 290 -11.67 2.31 -6.04
N ASP A 291 -10.71 1.55 -5.50
CA ASP A 291 -10.74 0.07 -5.51
C ASP A 291 -11.24 -0.53 -4.20
N VAL A 292 -11.49 0.34 -3.22
CA VAL A 292 -11.99 -0.10 -1.92
C VAL A 292 -13.40 0.44 -1.75
N PRO A 293 -14.19 -0.19 -0.89
CA PRO A 293 -15.53 0.33 -0.72
C PRO A 293 -15.58 1.78 -0.19
N ALA A 294 -16.66 2.51 -0.56
CA ALA A 294 -16.93 3.86 -0.06
C ALA A 294 -16.91 3.80 1.46
N ILE A 295 -16.31 4.79 2.12
CA ILE A 295 -16.25 4.80 3.58
C ILE A 295 -17.66 5.00 4.16
N LYS A 296 -17.90 4.51 5.36
CA LYS A 296 -19.21 4.64 5.95
C LYS A 296 -19.18 5.52 7.15
N GLY A 297 -20.26 6.28 7.33
CA GLY A 297 -20.36 7.16 8.46
C GLY A 297 -21.79 7.26 8.94
N ILE A 298 -22.02 8.04 9.99
CA ILE A 298 -23.36 8.17 10.53
C ILE A 298 -23.81 9.61 10.31
N ASP A 299 -25.06 9.78 9.85
CA ASP A 299 -25.63 11.13 9.64
C ASP A 299 -26.32 11.69 10.89
N GLU A 300 -26.97 12.85 10.77
CA GLU A 300 -27.64 13.50 11.89
C GLU A 300 -28.88 12.78 12.41
N ASN A 301 -29.34 11.75 11.71
CA ASN A 301 -30.50 10.98 12.13
C ASN A 301 -30.05 9.62 12.59
N ASP A 302 -28.76 9.50 12.88
CA ASP A 302 -28.13 8.24 13.31
C ASP A 302 -28.19 7.08 12.31
N ASN A 303 -28.31 7.40 11.04
CA ASN A 303 -28.36 6.39 10.01
C ASN A 303 -27.04 6.28 9.29
N GLU A 304 -26.72 5.07 8.83
CA GLU A 304 -25.49 4.80 8.11
C GLU A 304 -25.59 5.29 6.69
N VAL A 305 -24.54 6.02 6.31
CA VAL A 305 -24.42 6.60 4.98
C VAL A 305 -23.02 6.38 4.51
N GLU A 306 -22.81 6.63 3.22
CA GLU A 306 -21.47 6.49 2.65
C GLU A 306 -21.00 7.72 1.88
N ARG A 307 -19.70 7.80 1.73
CA ARG A 307 -19.02 8.88 1.01
C ARG A 307 -18.09 8.20 -0.01
N HIS A 308 -18.39 8.43 -1.29
CA HIS A 308 -17.67 7.84 -2.37
C HIS A 308 -16.39 8.63 -2.67
N ALA A 309 -15.36 7.91 -3.13
CA ALA A 309 -14.05 8.49 -3.51
C ALA A 309 -14.14 9.23 -4.82
N ASP A 310 -14.68 10.44 -4.75
CA ASP A 310 -15.01 11.25 -5.90
C ASP A 310 -14.96 12.70 -5.45
N ASP A 311 -14.25 13.49 -6.25
CA ASP A 311 -14.08 14.93 -5.99
C ASP A 311 -15.40 15.72 -6.01
N ASN A 312 -16.43 15.16 -6.66
CA ASN A 312 -17.73 15.82 -6.75
C ASN A 312 -18.65 15.54 -5.56
N GLU A 313 -18.30 14.57 -4.72
CA GLU A 313 -19.06 14.23 -3.53
C GLU A 313 -18.81 15.29 -2.48
N PRO A 314 -19.73 15.41 -1.51
CA PRO A 314 -19.44 16.38 -0.45
C PRO A 314 -18.16 15.99 0.32
N PHE A 315 -17.43 16.99 0.75
CA PHE A 315 -16.18 16.79 1.45
C PHE A 315 -16.37 16.03 2.74
N SER A 316 -15.47 15.09 2.96
CA SER A 316 -15.37 14.39 4.23
C SER A 316 -13.98 13.92 4.43
N ALA A 317 -13.51 13.98 5.69
CA ALA A 317 -12.18 13.57 6.03
C ALA A 317 -12.06 13.14 7.46
N LEU A 318 -11.10 12.27 7.72
CA LEU A 318 -10.85 11.83 9.13
C LEU A 318 -9.46 12.38 9.56
N ALA A 319 -9.44 13.05 10.71
CA ALA A 319 -8.21 13.49 11.31
C ALA A 319 -7.65 12.26 11.98
N PHE A 320 -6.51 11.77 11.53
CA PHE A 320 -5.97 10.52 12.13
C PHE A 320 -4.72 10.60 13.01
N LYS A 321 -4.07 11.74 13.06
CA LYS A 321 -2.87 11.92 13.89
C LYS A 321 -2.66 13.45 13.98
N ILE A 322 -2.28 13.93 15.16
CA ILE A 322 -2.00 15.34 15.36
C ILE A 322 -0.59 15.37 15.96
N ALA A 323 0.30 16.06 15.27
CA ALA A 323 1.71 16.14 15.63
C ALA A 323 2.02 17.56 16.03
N THR A 324 2.89 17.73 16.98
CA THR A 324 3.26 19.08 17.38
C THR A 324 4.50 19.53 16.59
N ASP A 325 4.66 20.82 16.43
CA ASP A 325 5.80 21.39 15.71
C ASP A 325 6.19 22.73 16.37
N PRO A 326 7.49 22.93 16.63
CA PRO A 326 7.91 24.15 17.32
C PRO A 326 7.81 25.43 16.47
N PHE A 327 7.61 25.33 15.15
CA PHE A 327 7.47 26.53 14.29
C PHE A 327 6.08 26.82 13.79
N VAL A 328 5.32 25.76 13.50
CA VAL A 328 3.95 25.91 12.99
C VAL A 328 2.84 25.48 13.97
N GLY A 329 3.21 24.96 15.13
CA GLY A 329 2.26 24.63 16.17
C GLY A 329 1.77 23.20 16.18
N THR A 330 0.74 22.96 15.37
CA THR A 330 0.17 21.63 15.23
C THR A 330 -0.01 21.32 13.77
N LEU A 331 0.17 20.03 13.49
CA LEU A 331 -0.02 19.47 12.13
C LEU A 331 -1.08 18.42 12.30
N THR A 332 -2.26 18.67 11.72
CA THR A 332 -3.40 17.78 11.80
C THR A 332 -3.47 16.95 10.52
N PHE A 333 -3.02 15.69 10.62
CA PHE A 333 -3.00 14.77 9.46
C PHE A 333 -4.38 14.26 9.16
N ILE A 334 -4.82 14.45 7.91
CA ILE A 334 -6.15 14.04 7.50
C ILE A 334 -6.08 13.17 6.26
N ARG A 335 -7.00 12.21 6.22
CA ARG A 335 -7.23 11.39 5.06
C ARG A 335 -8.55 11.93 4.54
N VAL A 336 -8.52 12.40 3.30
CA VAL A 336 -9.73 12.87 2.66
C VAL A 336 -10.39 11.70 1.91
N TYR A 337 -11.66 11.45 2.20
CA TYR A 337 -12.37 10.35 1.54
C TYR A 337 -13.19 10.76 0.36
N SER A 338 -13.68 11.99 0.38
CA SER A 338 -14.57 12.44 -0.63
C SER A 338 -14.46 13.93 -0.74
N GLY A 339 -14.74 14.45 -1.96
CA GLY A 339 -14.70 15.87 -2.18
C GLY A 339 -13.31 16.46 -2.15
N VAL A 340 -13.28 17.75 -1.83
CA VAL A 340 -12.05 18.54 -1.85
C VAL A 340 -12.12 19.56 -0.76
N VAL A 341 -10.95 19.87 -0.19
CA VAL A 341 -10.83 20.97 0.75
C VAL A 341 -9.67 21.84 0.29
N ASN A 342 -9.87 23.16 0.40
CA ASN A 342 -8.90 24.16 0.02
C ASN A 342 -8.51 25.04 1.20
N THR A 343 -7.33 25.63 1.12
CA THR A 343 -6.97 26.67 2.07
C THR A 343 -8.07 27.74 2.02
N GLY A 344 -8.49 28.22 3.19
CA GLY A 344 -9.53 29.24 3.34
C GLY A 344 -10.94 28.66 3.51
N ASP A 345 -11.09 27.36 3.33
CA ASP A 345 -12.41 26.79 3.43
C ASP A 345 -12.88 26.64 4.85
N ALA A 346 -14.16 26.95 5.04
CA ALA A 346 -14.84 26.69 6.27
C ALA A 346 -15.30 25.23 6.14
N VAL A 347 -15.03 24.43 7.17
CA VAL A 347 -15.49 23.05 7.20
C VAL A 347 -16.15 22.84 8.56
N TYR A 348 -16.82 21.71 8.74
CA TYR A 348 -17.49 21.41 9.98
C TYR A 348 -16.83 20.20 10.66
N ASN A 349 -16.57 20.32 11.97
CA ASN A 349 -16.04 19.26 12.77
C ASN A 349 -17.34 18.65 13.30
N SER A 350 -17.68 17.50 12.79
CA SER A 350 -18.96 16.87 13.12
C SER A 350 -19.02 16.23 14.48
N VAL A 351 -17.85 15.98 15.05
CA VAL A 351 -17.76 15.45 16.40
C VAL A 351 -17.99 16.57 17.40
N LYS A 352 -17.27 17.67 17.23
CA LYS A 352 -17.39 18.80 18.12
C LYS A 352 -18.61 19.65 17.86
N GLN A 353 -19.17 19.51 16.68
CA GLN A 353 -20.32 20.29 16.23
C GLN A 353 -20.01 21.78 16.23
N LYS A 354 -18.91 22.11 15.54
CA LYS A 354 -18.41 23.49 15.37
C LYS A 354 -17.66 23.58 14.05
N LYS A 355 -17.59 24.79 13.52
CA LYS A 355 -16.89 25.06 12.28
C LYS A 355 -15.41 25.33 12.53
N GLU A 356 -14.60 24.82 11.62
CA GLU A 356 -13.13 25.03 11.58
C GLU A 356 -12.85 25.72 10.26
N ARG A 357 -11.81 26.53 10.21
CA ARG A 357 -11.42 27.12 8.91
C ARG A 357 -9.98 26.65 8.60
N PHE A 358 -9.79 26.10 7.41
CA PHE A 358 -8.49 25.62 6.98
C PHE A 358 -7.61 26.80 6.61
N GLY A 359 -6.37 26.73 7.06
CA GLY A 359 -5.35 27.73 6.73
C GLY A 359 -4.35 27.01 5.85
N ARG A 360 -3.08 27.00 6.25
CA ARG A 360 -2.07 26.30 5.48
C ARG A 360 -2.20 24.79 5.49
N ILE A 361 -1.74 24.18 4.40
CA ILE A 361 -1.75 22.75 4.22
C ILE A 361 -0.39 22.33 3.67
N VAL A 362 0.12 21.20 4.16
CA VAL A 362 1.37 20.66 3.74
C VAL A 362 1.32 19.18 3.54
N GLN A 363 2.21 18.67 2.69
CA GLN A 363 2.44 17.22 2.54
C GLN A 363 3.91 16.99 2.84
N MET A 364 4.18 16.01 3.68
CA MET A 364 5.53 15.69 4.01
C MET A 364 6.11 14.73 2.97
N HIS A 365 7.21 15.16 2.36
CA HIS A 365 8.05 14.31 1.50
C HIS A 365 9.24 13.82 2.33
N ALA A 366 10.02 12.88 1.80
CA ALA A 366 11.17 12.38 2.55
C ALA A 366 12.10 13.48 2.98
N ASN A 367 12.36 14.45 2.10
CA ASN A 367 13.35 15.47 2.42
C ASN A 367 12.90 16.94 2.49
N LYS A 368 11.61 17.18 2.40
CA LYS A 368 11.07 18.50 2.43
C LYS A 368 9.56 18.42 2.55
N ARG A 369 8.96 19.60 2.70
N ARG A 369 8.94 19.59 2.65
CA ARG A 369 7.52 19.78 2.74
CA ARG A 369 7.49 19.70 2.71
C ARG A 369 7.10 20.47 1.47
C ARG A 369 7.06 20.50 1.52
N GLU A 370 5.97 20.06 0.91
CA GLU A 370 5.38 20.75 -0.18
C GLU A 370 4.21 21.48 0.49
N GLU A 371 4.22 22.79 0.29
CA GLU A 371 3.15 23.62 0.71
C GLU A 371 2.11 23.50 -0.41
N ILE A 372 0.86 23.12 -0.07
CA ILE A 372 -0.19 22.97 -1.06
C ILE A 372 -1.41 23.79 -0.71
N LYS A 373 -2.33 23.92 -1.69
CA LYS A 373 -3.55 24.72 -1.49
C LYS A 373 -4.82 23.93 -1.42
N GLU A 374 -4.76 22.64 -1.77
CA GLU A 374 -5.95 21.80 -1.76
C GLU A 374 -5.60 20.37 -1.48
N VAL A 375 -6.59 19.61 -0.96
CA VAL A 375 -6.44 18.21 -0.75
C VAL A 375 -7.72 17.58 -1.26
N ARG A 376 -7.57 16.61 -2.15
CA ARG A 376 -8.68 15.94 -2.82
C ARG A 376 -8.95 14.52 -2.30
N ALA A 377 -10.06 13.97 -2.79
CA ALA A 377 -10.47 12.60 -2.42
C ALA A 377 -9.32 11.63 -2.68
N GLY A 378 -9.05 10.79 -1.70
CA GLY A 378 -8.07 9.77 -1.82
C GLY A 378 -6.69 10.19 -1.43
N ASP A 379 -6.55 11.41 -0.92
CA ASP A 379 -5.23 11.90 -0.58
C ASP A 379 -5.08 12.15 0.93
N ILE A 380 -3.82 12.38 1.31
CA ILE A 380 -3.42 12.62 2.71
C ILE A 380 -2.59 13.86 2.82
N ALA A 381 -2.87 14.70 3.81
CA ALA A 381 -2.05 15.90 4.03
C ALA A 381 -2.20 16.34 5.44
N ALA A 382 -1.48 17.38 5.80
CA ALA A 382 -1.55 17.92 7.16
C ALA A 382 -1.97 19.37 7.14
N ALA A 383 -2.95 19.73 7.97
CA ALA A 383 -3.40 21.09 8.08
C ALA A 383 -2.68 21.72 9.25
N ILE A 384 -2.11 22.92 9.04
CA ILE A 384 -1.41 23.65 10.11
C ILE A 384 -2.37 24.52 10.88
N GLY A 385 -2.17 24.51 12.20
CA GLY A 385 -2.88 25.40 13.06
C GLY A 385 -4.38 25.32 13.24
N LEU A 386 -4.98 24.18 12.98
CA LEU A 386 -6.44 24.03 13.26
C LEU A 386 -6.71 24.32 14.75
N LYS A 387 -7.87 24.86 15.09
CA LYS A 387 -8.08 25.30 16.48
C LYS A 387 -8.48 24.27 17.48
N ASP A 388 -9.41 23.41 17.09
CA ASP A 388 -9.90 22.42 18.01
C ASP A 388 -10.28 21.17 17.31
N VAL A 389 -9.29 20.42 16.88
CA VAL A 389 -9.52 19.16 16.25
C VAL A 389 -8.74 18.11 17.03
N THR A 390 -9.43 17.03 17.41
CA THR A 390 -8.81 15.94 18.13
C THR A 390 -8.69 14.74 17.19
N THR A 391 -7.69 13.88 17.40
CA THR A 391 -7.56 12.69 16.64
C THR A 391 -8.85 11.87 16.65
N GLY A 392 -9.29 11.44 15.43
CA GLY A 392 -10.52 10.66 15.26
C GLY A 392 -11.70 11.50 14.85
N ASP A 393 -11.54 12.82 14.90
CA ASP A 393 -12.59 13.74 14.53
C ASP A 393 -12.82 13.69 13.01
N THR A 394 -14.07 13.91 12.60
CA THR A 394 -14.41 13.99 11.17
C THR A 394 -14.58 15.46 10.79
N LEU A 395 -14.00 15.85 9.64
CA LEU A 395 -14.17 17.16 9.07
C LEU A 395 -15.02 16.93 7.83
N CYS A 396 -16.06 17.75 7.64
CA CYS A 396 -16.94 17.55 6.50
C CYS A 396 -17.61 18.82 6.05
N ASN A 397 -18.26 18.75 4.88
CA ASN A 397 -19.05 19.88 4.38
C ASN A 397 -20.26 20.08 5.31
N SER A 398 -20.50 21.33 5.75
CA SER A 398 -21.58 21.72 6.64
C SER A 398 -22.97 21.32 6.17
N ASP A 399 -23.18 21.24 4.87
CA ASP A 399 -24.52 20.90 4.38
C ASP A 399 -24.75 19.40 4.20
N HIS A 400 -23.74 18.57 4.50
CA HIS A 400 -23.86 17.11 4.38
C HIS A 400 -23.04 16.51 5.52
N LYS A 401 -23.48 16.80 6.72
CA LYS A 401 -22.82 16.34 7.94
C LYS A 401 -22.76 14.80 8.02
N VAL A 402 -21.60 14.30 8.44
CA VAL A 402 -21.36 12.91 8.60
C VAL A 402 -20.28 12.71 9.63
N ILE A 403 -20.43 11.67 10.45
CA ILE A 403 -19.39 11.31 11.43
C ILE A 403 -18.84 9.97 10.96
N LEU A 404 -17.56 9.95 10.59
CA LEU A 404 -16.94 8.75 10.06
C LEU A 404 -16.54 7.73 11.11
N GLU A 405 -16.20 8.23 12.29
CA GLU A 405 -15.78 7.42 13.43
C GLU A 405 -16.66 7.72 14.63
#